data_5YAE
#
_entry.id   5YAE
#
_cell.length_a   53.270
_cell.length_b   71.290
_cell.length_c   87.720
_cell.angle_alpha   90.00
_cell.angle_beta   90.00
_cell.angle_gamma   90.00
#
_symmetry.space_group_name_H-M   'P 21 21 21'
#
loop_
_entity.id
_entity.type
_entity.pdbx_description
1 polymer Esterase
2 non-polymer 'SULFATE ION'
3 non-polymer 'ACETATE ION'
4 water water
#
_entity_poly.entity_id   1
_entity_poly.type   'polypeptide(L)'
_entity_poly.pdbx_seq_one_letter_code
;ATAGQEVAAPATRIPLGTKTLHLVDASRQDPWKPSAGNRELMVTLWYPSLPSREPAAPYVSKPLSRAVLGNDVLAGVRTH
AVAGARPAPVPRPLVVLSPGFGMSRITLTALGEDLASRGYAVAAVDHTYEAPVEFPGGRIEKCTLCDDSRMDPGAVVRNR
AKDLRFVLDRLTGPGSELRVDARRIGVAGHSIGGASAVEVMREDRRVDAAINLDGNFFTEPPAEGLNKPVLLLGARRSGL
PEPQENWERAWKQLTGWKRWLDVPAGGHMTFTDVPWIVDRFGMPGQIPPEQVEGQLGTVSAARATAVTRNYVAAFFDRHL
RGRPSPLLDRPSSAHPEVTFMK
;
_entity_poly.pdbx_strand_id   A
#
loop_
_chem_comp.id
_chem_comp.type
_chem_comp.name
_chem_comp.formula
ACT non-polymer 'ACETATE ION' 'C2 H3 O2 -1'
SO4 non-polymer 'SULFATE ION' 'O4 S -2'
#
# COMPACT_ATOMS: atom_id res chain seq x y z
N ALA A 3 -23.13 -5.07 14.05
CA ALA A 3 -22.64 -3.91 13.22
C ALA A 3 -23.22 -3.98 11.80
N GLY A 4 -22.87 -5.05 11.08
CA GLY A 4 -23.04 -5.09 9.62
C GLY A 4 -22.12 -4.11 8.87
N GLN A 5 -21.07 -3.62 9.54
CA GLN A 5 -20.17 -2.61 8.99
C GLN A 5 -19.10 -3.25 8.10
N GLU A 6 -18.80 -2.60 6.98
CA GLU A 6 -17.82 -3.07 5.99
C GLU A 6 -16.88 -1.99 5.52
N VAL A 7 -15.76 -2.46 4.98
CA VAL A 7 -14.87 -1.65 4.15
C VAL A 7 -15.69 -1.07 2.97
N ALA A 8 -15.26 0.08 2.45
CA ALA A 8 -15.91 0.71 1.28
C ALA A 8 -16.14 -0.28 0.13
N ALA A 9 -17.35 -0.25 -0.45
CA ALA A 9 -17.75 -1.10 -1.58
C ALA A 9 -16.70 -1.04 -2.70
N PRO A 10 -16.18 -2.21 -3.13
CA PRO A 10 -15.21 -2.18 -4.23
C PRO A 10 -15.85 -1.85 -5.59
N ALA A 11 -15.01 -1.48 -6.57
CA ALA A 11 -15.49 -1.08 -7.91
C ALA A 11 -16.49 -2.03 -8.55
N THR A 12 -16.27 -3.36 -8.46
CA THR A 12 -17.17 -4.38 -9.05
C THR A 12 -17.65 -5.39 -8.02
N ARG A 13 -18.58 -6.23 -8.46
CA ARG A 13 -19.12 -7.32 -7.65
C ARG A 13 -18.55 -8.71 -7.99
N ILE A 14 -17.42 -8.81 -8.70
CA ILE A 14 -16.84 -10.14 -8.92
C ILE A 14 -16.43 -10.73 -7.57
N PRO A 15 -16.52 -12.06 -7.42
CA PRO A 15 -16.10 -12.62 -6.14
C PRO A 15 -14.59 -12.44 -5.90
N LEU A 16 -14.24 -12.27 -4.63
CA LEU A 16 -12.87 -12.03 -4.20
C LEU A 16 -12.47 -13.06 -3.17
N GLY A 17 -11.22 -13.50 -3.25
CA GLY A 17 -10.61 -14.37 -2.26
C GLY A 17 -9.50 -13.64 -1.56
N THR A 18 -9.08 -14.17 -0.41
CA THR A 18 -7.93 -13.69 0.32
C THR A 18 -7.18 -14.84 0.99
N LYS A 19 -5.87 -14.75 1.00
CA LYS A 19 -5.00 -15.65 1.78
C LYS A 19 -3.99 -14.80 2.52
N THR A 20 -3.53 -15.29 3.67
CA THR A 20 -2.44 -14.65 4.38
C THR A 20 -1.24 -15.62 4.40
N LEU A 21 -0.07 -15.08 4.08
CA LEU A 21 1.12 -15.89 3.91
C LEU A 21 2.14 -15.47 4.97
N HIS A 22 2.78 -16.47 5.60
CA HIS A 22 3.96 -16.24 6.42
C HIS A 22 5.19 -16.66 5.60
N LEU A 23 5.94 -15.67 5.13
CA LEU A 23 7.15 -15.92 4.32
C LEU A 23 8.40 -15.73 5.17
N VAL A 24 9.40 -16.57 4.95
CA VAL A 24 10.68 -16.45 5.65
C VAL A 24 11.77 -16.43 4.60
N ASP A 25 12.49 -15.31 4.55
CA ASP A 25 13.64 -15.14 3.66
C ASP A 25 14.90 -15.62 4.37
N ALA A 26 15.28 -16.88 4.13
CA ALA A 26 16.45 -17.45 4.78
C ALA A 26 17.81 -16.98 4.20
N SER A 27 17.80 -16.07 3.22
CA SER A 27 19.01 -15.45 2.66
C SER A 27 19.51 -14.25 3.43
N ARG A 28 18.63 -13.64 4.26
CA ARG A 28 18.96 -12.44 5.02
C ARG A 28 18.62 -12.63 6.48
N GLN A 29 19.50 -12.14 7.35
CA GLN A 29 19.16 -11.92 8.75
C GLN A 29 18.27 -10.67 8.83
N ASP A 30 17.40 -10.63 9.82
CA ASP A 30 16.56 -9.45 10.02
C ASP A 30 17.47 -8.23 10.25
N PRO A 31 17.20 -7.13 9.53
CA PRO A 31 18.09 -5.97 9.63
C PRO A 31 17.99 -5.20 10.95
N TRP A 32 16.83 -5.26 11.61
CA TRP A 32 16.55 -4.47 12.82
C TRP A 32 16.75 -5.27 14.11
N LYS A 33 16.48 -6.58 14.06
CA LYS A 33 16.57 -7.43 15.24
C LYS A 33 17.21 -8.78 14.84
N PRO A 34 18.53 -8.77 14.52
CA PRO A 34 19.20 -9.98 14.05
C PRO A 34 19.18 -11.16 15.04
N SER A 35 19.07 -10.89 16.34
CA SER A 35 18.90 -11.94 17.35
C SER A 35 17.67 -12.84 17.11
N ALA A 36 16.63 -12.27 16.48
CA ALA A 36 15.43 -13.02 16.14
C ALA A 36 15.61 -13.96 14.95
N GLY A 37 16.72 -13.81 14.22
CA GLY A 37 17.05 -14.74 13.12
C GLY A 37 16.74 -14.14 11.77
N ASN A 38 16.17 -14.98 10.89
CA ASN A 38 15.93 -14.58 9.50
C ASN A 38 14.82 -13.57 9.34
N ARG A 39 14.87 -12.85 8.22
CA ARG A 39 13.85 -11.88 7.87
C ARG A 39 12.58 -12.65 7.47
N GLU A 40 11.50 -12.41 8.24
CA GLU A 40 10.20 -13.01 7.96
C GLU A 40 9.21 -11.89 7.64
N LEU A 41 8.23 -12.19 6.80
CA LEU A 41 7.23 -11.24 6.34
C LEU A 41 5.84 -11.86 6.40
N MET A 42 4.84 -11.07 6.81
CA MET A 42 3.44 -11.42 6.64
C MET A 42 2.87 -10.70 5.43
N VAL A 43 2.08 -11.42 4.63
CA VAL A 43 1.54 -10.91 3.38
C VAL A 43 0.04 -11.22 3.30
N THR A 44 -0.74 -10.29 2.80
CA THR A 44 -2.15 -10.52 2.51
C THR A 44 -2.32 -10.49 1.02
N LEU A 45 -2.94 -11.53 0.48
CA LEU A 45 -3.29 -11.59 -0.92
C LEU A 45 -4.77 -11.27 -1.10
N TRP A 46 -5.10 -10.56 -2.18
CA TRP A 46 -6.49 -10.38 -2.62
C TRP A 46 -6.53 -10.70 -4.11
N TYR A 47 -7.55 -11.44 -4.53
CA TYR A 47 -7.59 -11.90 -5.93
C TYR A 47 -9.00 -12.21 -6.39
N PRO A 48 -9.26 -12.02 -7.70
CA PRO A 48 -10.50 -12.56 -8.27
C PRO A 48 -10.56 -14.06 -8.02
N SER A 49 -11.69 -14.50 -7.47
CA SER A 49 -11.89 -15.89 -7.09
C SER A 49 -13.12 -16.43 -7.80
N LEU A 50 -13.33 -17.73 -7.63
CA LEU A 50 -14.59 -18.39 -7.96
C LEU A 50 -15.60 -18.09 -6.86
N PRO A 51 -16.91 -18.27 -7.13
CA PRO A 51 -17.90 -17.94 -6.09
C PRO A 51 -17.83 -18.80 -4.83
N SER A 52 -18.17 -18.21 -3.69
CA SER A 52 -18.26 -18.90 -2.43
C SER A 52 -19.50 -18.45 -1.68
N ARG A 53 -20.08 -19.35 -0.90
CA ARG A 53 -21.17 -18.99 -0.02
C ARG A 53 -20.66 -18.77 1.43
N GLU A 54 -19.35 -18.90 1.64
CA GLU A 54 -18.72 -18.58 2.93
C GLU A 54 -18.78 -17.08 3.24
N PRO A 55 -18.96 -16.71 4.53
CA PRO A 55 -18.86 -15.27 4.87
C PRO A 55 -17.46 -14.70 4.60
N ALA A 56 -17.40 -13.39 4.37
CA ALA A 56 -16.14 -12.71 4.06
C ALA A 56 -15.26 -12.62 5.31
N ALA A 57 -13.95 -12.54 5.09
CA ALA A 57 -12.99 -12.43 6.19
C ALA A 57 -13.14 -11.10 6.93
N PRO A 58 -12.93 -11.11 8.26
CA PRO A 58 -12.84 -9.87 9.02
C PRO A 58 -11.68 -9.01 8.55
N TYR A 59 -11.80 -7.71 8.78
CA TYR A 59 -10.74 -6.76 8.51
C TYR A 59 -9.45 -7.15 9.24
N VAL A 60 -9.61 -7.69 10.45
CA VAL A 60 -8.52 -7.87 11.38
C VAL A 60 -8.97 -8.72 12.58
N SER A 61 -8.03 -9.38 13.24
CA SER A 61 -8.31 -10.08 14.49
C SER A 61 -8.53 -9.08 15.64
N LYS A 62 -9.11 -9.55 16.75
CA LYS A 62 -9.28 -8.70 17.94
C LYS A 62 -7.92 -8.23 18.50
N PRO A 63 -6.96 -9.16 18.73
CA PRO A 63 -5.64 -8.76 19.22
C PRO A 63 -4.88 -7.72 18.36
N LEU A 64 -4.87 -7.88 17.03
CA LEU A 64 -4.18 -6.91 16.17
C LEU A 64 -4.90 -5.54 16.11
N SER A 65 -6.23 -5.55 16.22
CA SER A 65 -7.02 -4.30 16.32
C SER A 65 -6.64 -3.52 17.57
N ARG A 66 -6.49 -4.20 18.70
CA ARG A 66 -5.99 -3.58 19.94
C ARG A 66 -4.63 -2.92 19.71
N ALA A 67 -3.69 -3.68 19.16
CA ALA A 67 -2.36 -3.17 18.80
C ALA A 67 -2.37 -1.99 17.81
N VAL A 68 -3.27 -2.01 16.82
CA VAL A 68 -3.31 -0.93 15.81
C VAL A 68 -4.07 0.29 16.29
N LEU A 69 -5.27 0.09 16.85
CA LEU A 69 -6.19 1.19 17.18
C LEU A 69 -6.24 1.55 18.68
N GLY A 70 -6.02 0.57 19.53
CA GLY A 70 -6.18 0.73 20.98
C GLY A 70 -7.36 -0.05 21.53
N ASN A 71 -8.21 -0.59 20.66
CA ASN A 71 -9.31 -1.48 21.08
C ASN A 71 -9.73 -2.41 19.92
N ASP A 72 -10.65 -3.35 20.21
CA ASP A 72 -10.96 -4.44 19.27
C ASP A 72 -12.05 -4.20 18.21
N VAL A 73 -12.53 -2.95 18.10
CA VAL A 73 -13.72 -2.63 17.30
C VAL A 73 -13.59 -3.00 15.81
N LEU A 74 -12.39 -2.87 15.23
CA LEU A 74 -12.17 -3.16 13.81
C LEU A 74 -12.28 -4.63 13.47
N ALA A 75 -12.15 -5.50 14.48
CA ALA A 75 -12.44 -6.92 14.30
C ALA A 75 -13.90 -7.22 13.93
N GLY A 76 -14.83 -6.36 14.33
CA GLY A 76 -16.22 -6.45 13.88
C GLY A 76 -16.50 -6.02 12.45
N VAL A 77 -15.53 -5.39 11.77
CA VAL A 77 -15.72 -4.92 10.40
C VAL A 77 -15.39 -6.02 9.39
N ARG A 78 -16.28 -6.28 8.44
CA ARG A 78 -16.04 -7.28 7.43
C ARG A 78 -15.45 -6.71 6.12
N THR A 79 -14.66 -7.52 5.41
CA THR A 79 -14.16 -7.18 4.09
C THR A 79 -15.14 -7.80 3.09
N HIS A 80 -14.72 -7.95 1.84
CA HIS A 80 -15.53 -8.59 0.81
C HIS A 80 -14.82 -9.79 0.17
N ALA A 81 -13.68 -10.19 0.72
CA ALA A 81 -12.89 -11.27 0.18
C ALA A 81 -13.08 -12.46 1.11
N VAL A 82 -13.24 -13.63 0.51
CA VAL A 82 -13.48 -14.86 1.25
C VAL A 82 -12.14 -15.56 1.48
N ALA A 83 -11.82 -15.83 2.74
CA ALA A 83 -10.58 -16.53 3.10
C ALA A 83 -10.50 -17.88 2.41
N GLY A 84 -9.45 -18.10 1.65
CA GLY A 84 -9.17 -19.41 1.06
C GLY A 84 -9.98 -19.75 -0.17
N ALA A 85 -10.74 -18.81 -0.73
CA ALA A 85 -11.50 -19.10 -1.94
C ALA A 85 -10.58 -19.50 -3.09
N ARG A 86 -11.07 -20.40 -3.94
CA ARG A 86 -10.34 -20.82 -5.11
C ARG A 86 -10.17 -19.65 -6.09
N PRO A 87 -8.94 -19.43 -6.59
CA PRO A 87 -8.73 -18.36 -7.57
C PRO A 87 -9.45 -18.56 -8.89
N ALA A 88 -9.84 -17.45 -9.51
CA ALA A 88 -10.39 -17.39 -10.87
C ALA A 88 -9.37 -17.99 -11.84
N PRO A 89 -9.81 -18.37 -13.06
CA PRO A 89 -8.94 -19.22 -13.91
C PRO A 89 -7.63 -18.58 -14.48
N VAL A 90 -7.68 -17.36 -14.99
CA VAL A 90 -6.51 -16.76 -15.66
C VAL A 90 -5.55 -16.10 -14.66
N PRO A 91 -4.24 -16.40 -14.74
CA PRO A 91 -3.30 -15.66 -13.87
C PRO A 91 -3.31 -14.15 -14.15
N ARG A 92 -3.44 -13.35 -13.10
CA ARG A 92 -3.70 -11.92 -13.22
C ARG A 92 -2.44 -11.10 -12.96
N PRO A 93 -2.36 -9.88 -13.56
CA PRO A 93 -1.26 -8.97 -13.23
C PRO A 93 -1.23 -8.64 -11.74
N LEU A 94 -0.02 -8.54 -11.20
CA LEU A 94 0.22 -8.38 -9.77
C LEU A 94 0.54 -6.94 -9.39
N VAL A 95 -0.12 -6.46 -8.35
CA VAL A 95 0.23 -5.20 -7.74
C VAL A 95 0.66 -5.52 -6.32
N VAL A 96 1.85 -5.07 -5.94
CA VAL A 96 2.36 -5.27 -4.59
C VAL A 96 2.20 -3.95 -3.85
N LEU A 97 1.75 -4.02 -2.60
CA LEU A 97 1.46 -2.84 -1.79
C LEU A 97 2.29 -2.84 -0.51
N SER A 98 2.77 -1.67 -0.12
CA SER A 98 3.60 -1.50 1.08
C SER A 98 3.11 -0.31 1.88
N PRO A 99 2.85 -0.49 3.19
CA PRO A 99 2.24 0.59 3.99
C PRO A 99 3.23 1.63 4.51
N GLY A 100 2.67 2.64 5.18
CA GLY A 100 3.46 3.71 5.81
C GLY A 100 4.21 3.20 7.03
N PHE A 101 5.27 3.92 7.40
CA PHE A 101 6.10 3.49 8.52
C PHE A 101 5.27 3.48 9.80
N GLY A 102 5.44 2.44 10.61
CA GLY A 102 4.61 2.23 11.81
C GLY A 102 3.20 1.70 11.59
N MET A 103 2.72 1.64 10.34
CA MET A 103 1.35 1.26 10.01
CA MET A 103 1.34 1.25 10.06
C MET A 103 1.26 -0.17 9.45
N SER A 104 0.24 -0.89 9.88
CA SER A 104 -0.09 -2.21 9.41
C SER A 104 -0.48 -2.21 7.93
N ARG A 105 -0.12 -3.29 7.23
CA ARG A 105 -0.57 -3.56 5.87
C ARG A 105 -2.12 -3.61 5.71
N ILE A 106 -2.84 -3.96 6.78
CA ILE A 106 -4.31 -3.98 6.73
C ILE A 106 -4.89 -2.59 6.40
N THR A 107 -4.13 -1.52 6.65
CA THR A 107 -4.57 -0.15 6.35
C THR A 107 -4.61 0.18 4.85
N LEU A 108 -4.18 -0.76 4.01
CA LEU A 108 -4.36 -0.66 2.56
C LEU A 108 -5.39 -1.70 2.02
N THR A 109 -6.30 -2.15 2.88
CA THR A 109 -7.32 -3.15 2.51
C THR A 109 -8.31 -2.60 1.48
N ALA A 110 -8.78 -1.37 1.64
CA ALA A 110 -9.77 -0.83 0.69
C ALA A 110 -9.18 -0.67 -0.72
N LEU A 111 -7.93 -0.22 -0.78
CA LEU A 111 -7.24 -0.15 -2.06
C LEU A 111 -7.02 -1.55 -2.64
N GLY A 112 -6.56 -2.47 -1.79
CA GLY A 112 -6.23 -3.83 -2.24
C GLY A 112 -7.40 -4.61 -2.80
N GLU A 113 -8.51 -4.59 -2.07
CA GLU A 113 -9.75 -5.22 -2.53
C GLU A 113 -10.28 -4.62 -3.81
N ASP A 114 -10.21 -3.29 -3.91
CA ASP A 114 -10.70 -2.59 -5.10
C ASP A 114 -9.91 -2.99 -6.33
N LEU A 115 -8.60 -3.03 -6.19
CA LEU A 115 -7.72 -3.49 -7.27
C LEU A 115 -8.03 -4.95 -7.64
N ALA A 116 -8.25 -5.79 -6.64
CA ALA A 116 -8.67 -7.16 -6.87
C ALA A 116 -10.01 -7.23 -7.62
N SER A 117 -10.97 -6.40 -7.25
CA SER A 117 -12.27 -6.39 -7.91
C SER A 117 -12.16 -5.90 -9.37
N ARG A 118 -11.14 -5.09 -9.67
CA ARG A 118 -10.85 -4.66 -11.05
C ARG A 118 -10.06 -5.69 -11.85
N GLY A 119 -9.67 -6.80 -11.22
CA GLY A 119 -9.08 -7.96 -11.90
C GLY A 119 -7.60 -8.19 -11.65
N TYR A 120 -7.01 -7.49 -10.67
CA TYR A 120 -5.61 -7.69 -10.28
C TYR A 120 -5.42 -8.72 -9.17
N ALA A 121 -4.30 -9.41 -9.20
CA ALA A 121 -3.77 -10.09 -8.03
C ALA A 121 -3.05 -9.02 -7.20
N VAL A 122 -3.32 -8.96 -5.90
CA VAL A 122 -2.74 -7.92 -5.04
C VAL A 122 -2.07 -8.57 -3.83
N ALA A 123 -0.88 -8.09 -3.49
CA ALA A 123 -0.12 -8.54 -2.32
C ALA A 123 0.25 -7.34 -1.47
N ALA A 124 -0.35 -7.22 -0.28
CA ALA A 124 0.06 -6.22 0.70
C ALA A 124 1.04 -6.85 1.69
N VAL A 125 2.14 -6.15 1.93
CA VAL A 125 3.30 -6.69 2.64
C VAL A 125 3.54 -5.94 3.94
N ASP A 126 3.70 -6.67 5.05
CA ASP A 126 4.15 -6.08 6.30
C ASP A 126 5.64 -6.27 6.44
N HIS A 127 6.30 -5.25 6.95
CA HIS A 127 7.73 -5.26 7.15
C HIS A 127 8.00 -5.33 8.65
N THR A 128 8.58 -6.45 9.07
CA THR A 128 8.57 -6.80 10.48
C THR A 128 9.38 -5.81 11.31
N TYR A 129 8.84 -5.49 12.48
CA TYR A 129 9.40 -4.50 13.42
C TYR A 129 9.23 -3.05 12.95
N GLU A 130 8.44 -2.84 11.88
CA GLU A 130 8.13 -1.50 11.36
C GLU A 130 6.62 -1.21 11.48
N ALA A 131 5.93 -2.06 12.24
CA ALA A 131 4.49 -1.98 12.48
C ALA A 131 4.13 -3.09 13.50
N PRO A 132 2.93 -3.03 14.10
CA PRO A 132 2.44 -4.26 14.74
C PRO A 132 2.02 -5.28 13.66
N VAL A 133 2.48 -6.52 13.81
CA VAL A 133 2.28 -7.58 12.82
C VAL A 133 1.93 -8.87 13.52
N GLU A 134 0.90 -9.57 13.04
CA GLU A 134 0.46 -10.84 13.62
C GLU A 134 0.95 -12.02 12.79
N PHE A 135 1.71 -12.90 13.43
CA PHE A 135 2.25 -14.10 12.79
C PHE A 135 1.38 -15.31 13.18
N PRO A 136 1.58 -16.46 12.51
CA PRO A 136 0.87 -17.68 12.95
C PRO A 136 1.08 -17.98 14.44
N GLY A 137 0.11 -18.66 15.03
CA GLY A 137 0.16 -19.01 16.44
C GLY A 137 -0.14 -17.85 17.38
N GLY A 138 -0.74 -16.79 16.86
CA GLY A 138 -1.08 -15.61 17.65
C GLY A 138 0.06 -14.71 18.07
N ARG A 139 1.24 -14.90 17.46
CA ARG A 139 2.41 -14.10 17.82
C ARG A 139 2.29 -12.70 17.23
N ILE A 140 2.22 -11.69 18.09
CA ILE A 140 2.22 -10.32 17.63
C ILE A 140 3.55 -9.64 17.92
N GLU A 141 4.27 -9.29 16.85
CA GLU A 141 5.49 -8.50 16.96
C GLU A 141 5.12 -7.03 16.88
N LYS A 142 5.81 -6.20 17.68
CA LYS A 142 5.55 -4.76 17.72
C LYS A 142 6.52 -3.97 16.81
N CYS A 143 6.14 -2.75 16.47
CA CYS A 143 7.04 -1.78 15.86
C CYS A 143 8.14 -1.33 16.83
N THR A 144 9.19 -2.14 16.95
CA THR A 144 10.33 -1.80 17.81
C THR A 144 11.19 -0.67 17.23
N LEU A 145 11.23 -0.54 15.90
CA LEU A 145 11.92 0.58 15.24
C LEU A 145 11.20 1.93 15.44
N CYS A 146 9.88 1.92 15.71
CA CYS A 146 9.16 3.15 16.04
C CYS A 146 9.72 3.85 17.27
N ASP A 147 10.32 3.08 18.20
CA ASP A 147 10.87 3.57 19.47
C ASP A 147 12.38 3.85 19.42
N ASP A 148 12.95 4.13 18.24
CA ASP A 148 14.39 4.24 18.07
C ASP A 148 14.76 5.51 17.29
N SER A 149 15.42 6.45 17.98
CA SER A 149 15.97 7.68 17.37
C SER A 149 17.04 7.39 16.32
N ARG A 150 17.64 6.19 16.39
CA ARG A 150 18.70 5.76 15.49
C ARG A 150 18.17 5.14 14.16
N MET A 151 16.85 5.15 13.96
CA MET A 151 16.23 4.76 12.66
C MET A 151 16.70 5.69 11.52
N ASP A 152 17.30 5.09 10.49
CA ASP A 152 17.60 5.79 9.25
C ASP A 152 16.56 5.46 8.20
N PRO A 153 15.86 6.47 7.68
CA PRO A 153 14.82 6.16 6.68
C PRO A 153 15.34 5.64 5.31
N GLY A 154 16.56 5.98 4.94
CA GLY A 154 17.18 5.45 3.73
C GLY A 154 17.40 3.94 3.84
N ALA A 155 17.93 3.54 4.99
CA ALA A 155 18.10 2.13 5.34
C ALA A 155 16.79 1.34 5.25
N VAL A 156 15.72 1.92 5.77
CA VAL A 156 14.40 1.29 5.73
C VAL A 156 14.02 1.04 4.28
N VAL A 157 14.14 2.06 3.46
CA VAL A 157 13.83 1.96 2.03
C VAL A 157 14.68 0.88 1.35
N ARG A 158 15.99 0.89 1.58
CA ARG A 158 16.88 -0.11 0.97
C ARG A 158 16.52 -1.53 1.39
N ASN A 159 16.18 -1.73 2.66
CA ASN A 159 15.86 -3.07 3.14
C ASN A 159 14.43 -3.47 2.76
N ARG A 160 13.52 -2.52 2.68
CA ARG A 160 12.20 -2.79 2.11
C ARG A 160 12.28 -3.20 0.63
N ALA A 161 13.19 -2.58 -0.11
CA ALA A 161 13.43 -2.99 -1.50
C ALA A 161 13.76 -4.48 -1.54
N LYS A 162 14.62 -4.95 -0.64
CA LYS A 162 14.93 -6.40 -0.53
C LYS A 162 13.73 -7.25 -0.11
N ASP A 163 12.93 -6.76 0.85
CA ASP A 163 11.68 -7.45 1.25
C ASP A 163 10.78 -7.71 0.05
N LEU A 164 10.56 -6.67 -0.77
CA LEU A 164 9.63 -6.73 -1.88
C LEU A 164 10.14 -7.58 -3.05
N ARG A 165 11.44 -7.56 -3.30
CA ARG A 165 12.04 -8.45 -4.30
C ARG A 165 11.87 -9.92 -3.90
N PHE A 166 11.95 -10.20 -2.61
CA PHE A 166 11.74 -11.55 -2.10
C PHE A 166 10.26 -12.00 -2.21
N VAL A 167 9.34 -11.07 -1.98
CA VAL A 167 7.92 -11.36 -2.14
C VAL A 167 7.63 -11.69 -3.61
N LEU A 168 8.24 -10.94 -4.53
CA LEU A 168 8.13 -11.21 -5.96
C LEU A 168 8.68 -12.59 -6.32
N ASP A 169 9.82 -12.96 -5.74
CA ASP A 169 10.40 -14.30 -5.92
C ASP A 169 9.41 -15.40 -5.53
N ARG A 170 8.79 -15.26 -4.36
CA ARG A 170 7.83 -16.24 -3.88
C ARG A 170 6.58 -16.27 -4.77
N LEU A 171 6.02 -15.10 -5.07
CA LEU A 171 4.75 -15.03 -5.80
C LEU A 171 4.84 -15.31 -7.30
N THR A 172 5.97 -15.03 -7.93
CA THR A 172 6.17 -15.40 -9.34
C THR A 172 6.76 -16.78 -9.54
N GLY A 173 7.18 -17.43 -8.44
CA GLY A 173 7.90 -18.70 -8.52
C GLY A 173 7.01 -19.95 -8.57
N PRO A 174 7.63 -21.12 -8.83
CA PRO A 174 6.93 -22.40 -8.79
C PRO A 174 6.37 -22.72 -7.42
N GLY A 175 5.16 -23.24 -7.36
CA GLY A 175 4.48 -23.43 -6.08
C GLY A 175 4.29 -22.13 -5.31
N SER A 176 4.12 -21.02 -6.02
CA SER A 176 3.53 -19.83 -5.42
C SER A 176 2.15 -20.24 -4.90
N GLU A 177 1.71 -19.64 -3.79
CA GLU A 177 0.35 -19.86 -3.28
C GLU A 177 -0.72 -19.22 -4.20
N LEU A 178 -0.31 -18.26 -5.03
CA LEU A 178 -1.19 -17.65 -6.02
C LEU A 178 -0.45 -17.49 -7.36
N ARG A 179 -0.96 -18.12 -8.41
CA ARG A 179 -0.36 -17.96 -9.74
C ARG A 179 -0.72 -16.58 -10.29
N VAL A 180 0.30 -15.82 -10.65
CA VAL A 180 0.13 -14.47 -11.17
C VAL A 180 0.78 -14.37 -12.53
N ASP A 181 0.38 -13.34 -13.27
CA ASP A 181 0.98 -13.05 -14.54
C ASP A 181 2.22 -12.19 -14.24
N ALA A 182 3.37 -12.88 -14.21
CA ALA A 182 4.69 -12.26 -13.94
C ALA A 182 5.16 -11.27 -15.02
N ARG A 183 4.51 -11.27 -16.17
CA ARG A 183 4.83 -10.30 -17.22
C ARG A 183 4.39 -8.87 -16.88
N ARG A 184 3.45 -8.74 -15.93
CA ARG A 184 2.82 -7.47 -15.62
C ARG A 184 2.82 -7.25 -14.09
N ILE A 185 3.84 -6.53 -13.62
CA ILE A 185 4.03 -6.28 -12.19
C ILE A 185 4.11 -4.79 -11.87
N GLY A 186 3.23 -4.35 -10.99
CA GLY A 186 3.26 -3.00 -10.44
C GLY A 186 3.51 -3.02 -8.96
N VAL A 187 4.08 -1.94 -8.43
CA VAL A 187 4.27 -1.75 -7.01
C VAL A 187 3.79 -0.36 -6.60
N ALA A 188 3.04 -0.29 -5.51
CA ALA A 188 2.62 0.98 -4.93
C ALA A 188 2.83 0.93 -3.43
N GLY A 189 3.02 2.09 -2.83
CA GLY A 189 3.06 2.17 -1.40
C GLY A 189 2.69 3.53 -0.86
N HIS A 190 2.40 3.53 0.44
CA HIS A 190 2.08 4.73 1.17
C HIS A 190 3.30 5.18 1.93
N SER A 191 3.57 6.50 1.85
CA SER A 191 4.64 7.15 2.58
C SER A 191 5.94 6.40 2.32
N ILE A 192 6.60 5.84 3.35
CA ILE A 192 7.90 5.19 3.13
C ILE A 192 7.80 3.92 2.28
N GLY A 193 6.63 3.27 2.29
CA GLY A 193 6.36 2.16 1.38
C GLY A 193 6.26 2.63 -0.06
N GLY A 194 5.87 3.89 -0.24
CA GLY A 194 5.82 4.54 -1.54
C GLY A 194 7.20 4.83 -2.09
N ALA A 195 8.10 5.32 -1.25
CA ALA A 195 9.50 5.47 -1.64
C ALA A 195 10.11 4.09 -1.93
N SER A 196 9.73 3.10 -1.12
CA SER A 196 10.18 1.73 -1.32
C SER A 196 9.67 1.11 -2.62
N ALA A 197 8.46 1.49 -3.04
CA ALA A 197 7.90 1.01 -4.30
C ALA A 197 8.75 1.46 -5.49
N VAL A 198 9.11 2.75 -5.50
CA VAL A 198 9.97 3.31 -6.53
C VAL A 198 11.36 2.66 -6.46
N GLU A 199 11.90 2.48 -5.26
CA GLU A 199 13.23 1.88 -5.06
C GLU A 199 13.34 0.44 -5.56
N VAL A 200 12.34 -0.39 -5.28
CA VAL A 200 12.39 -1.77 -5.77
C VAL A 200 12.26 -1.81 -7.30
N MET A 201 11.46 -0.93 -7.89
CA MET A 201 11.41 -0.84 -9.35
C MET A 201 12.77 -0.47 -9.93
N ARG A 202 13.44 0.48 -9.28
CA ARG A 202 14.80 0.87 -9.64
C ARG A 202 15.79 -0.31 -9.55
N GLU A 203 15.66 -1.15 -8.53
CA GLU A 203 16.51 -2.34 -8.33
C GLU A 203 16.09 -3.61 -9.08
N ASP A 204 14.85 -3.70 -9.54
CA ASP A 204 14.30 -4.97 -10.02
C ASP A 204 13.63 -4.81 -11.37
N ARG A 205 14.17 -5.51 -12.38
CA ARG A 205 13.69 -5.42 -13.77
C ARG A 205 12.29 -5.99 -13.99
N ARG A 206 11.87 -6.89 -13.11
CA ARG A 206 10.52 -7.47 -13.18
C ARG A 206 9.41 -6.44 -12.93
N VAL A 207 9.72 -5.35 -12.22
CA VAL A 207 8.71 -4.33 -11.89
C VAL A 207 8.56 -3.36 -13.06
N ASP A 208 7.31 -3.16 -13.50
CA ASP A 208 6.99 -2.39 -14.70
C ASP A 208 6.53 -0.94 -14.45
N ALA A 209 5.99 -0.66 -13.27
CA ALA A 209 5.47 0.65 -12.92
C ALA A 209 5.27 0.77 -11.39
N ALA A 210 5.41 2.00 -10.88
CA ALA A 210 5.44 2.28 -9.45
C ALA A 210 4.62 3.52 -9.08
N ILE A 211 3.97 3.50 -7.93
CA ILE A 211 3.27 4.67 -7.38
C ILE A 211 3.85 4.97 -5.99
N ASN A 212 4.25 6.22 -5.80
CA ASN A 212 4.59 6.74 -4.49
C ASN A 212 3.44 7.60 -3.97
N LEU A 213 2.68 7.06 -2.99
CA LEU A 213 1.62 7.79 -2.33
C LEU A 213 2.17 8.57 -1.13
N ASP A 214 2.77 9.73 -1.43
CA ASP A 214 3.05 10.80 -0.47
C ASP A 214 4.21 10.51 0.51
N GLY A 215 5.21 9.76 0.06
CA GLY A 215 6.43 9.56 0.83
C GLY A 215 7.60 10.33 0.25
N ASN A 216 8.34 11.03 1.11
CA ASN A 216 9.59 11.66 0.70
C ASN A 216 10.57 10.57 0.28
N PHE A 217 11.45 10.93 -0.64
CA PHE A 217 12.53 10.06 -1.05
C PHE A 217 13.65 10.22 -0.04
N PHE A 218 14.30 9.11 0.31
CA PHE A 218 15.38 9.08 1.30
C PHE A 218 16.68 8.45 0.81
N THR A 219 16.68 7.91 -0.41
CA THR A 219 17.85 7.27 -1.01
C THR A 219 18.27 8.15 -2.16
N GLU A 220 19.57 8.14 -2.47
CA GLU A 220 20.10 8.97 -3.54
C GLU A 220 19.69 8.35 -4.89
N PRO A 221 19.36 9.19 -5.88
CA PRO A 221 18.84 8.62 -7.12
C PRO A 221 19.91 7.84 -7.90
N PRO A 222 19.48 7.08 -8.93
CA PRO A 222 20.47 6.53 -9.85
C PRO A 222 21.00 7.67 -10.73
N ALA A 223 22.31 7.68 -10.98
CA ALA A 223 22.98 8.81 -11.63
C ALA A 223 22.45 9.12 -13.03
N GLU A 224 22.21 8.08 -13.82
CA GLU A 224 21.60 8.25 -15.16
C GLU A 224 20.10 8.59 -15.10
N GLY A 225 19.42 8.13 -14.05
CA GLY A 225 18.00 8.37 -13.84
C GLY A 225 17.21 7.07 -13.90
N LEU A 226 15.90 7.18 -13.68
CA LEU A 226 14.98 6.06 -13.67
C LEU A 226 13.98 6.33 -14.78
N ASN A 227 13.98 5.50 -15.81
CA ASN A 227 13.12 5.76 -16.97
C ASN A 227 11.86 4.89 -17.02
N LYS A 228 11.52 4.22 -15.91
CA LYS A 228 10.26 3.46 -15.82
C LYS A 228 9.11 4.34 -15.28
N PRO A 229 7.84 3.96 -15.55
CA PRO A 229 6.71 4.81 -15.13
C PRO A 229 6.53 5.01 -13.62
N VAL A 230 6.41 6.28 -13.22
CA VAL A 230 6.21 6.65 -11.83
C VAL A 230 5.08 7.67 -11.74
N LEU A 231 4.13 7.41 -10.84
CA LEU A 231 3.15 8.40 -10.41
C LEU A 231 3.57 8.85 -9.03
N LEU A 232 3.78 10.15 -8.85
CA LEU A 232 3.90 10.77 -7.54
C LEU A 232 2.56 11.40 -7.16
N LEU A 233 1.90 10.86 -6.12
CA LEU A 233 0.60 11.34 -5.67
C LEU A 233 0.70 11.76 -4.21
N GLY A 234 0.71 13.07 -3.97
CA GLY A 234 0.92 13.64 -2.66
C GLY A 234 -0.29 14.37 -2.10
N ALA A 235 -0.16 14.77 -0.85
CA ALA A 235 -1.15 15.58 -0.12
C ALA A 235 -0.46 16.81 0.44
N ARG A 236 -1.09 17.98 0.25
CA ARG A 236 -0.63 19.28 0.81
C ARG A 236 0.76 19.76 0.35
N ARG A 237 1.32 19.16 -0.68
CA ARG A 237 2.65 19.55 -1.16
C ARG A 237 2.64 20.86 -1.94
N SER A 238 1.48 21.30 -2.43
CA SER A 238 1.33 22.67 -2.97
C SER A 238 1.74 23.72 -1.94
N GLY A 239 1.49 23.46 -0.65
CA GLY A 239 1.88 24.36 0.43
C GLY A 239 2.66 23.73 1.58
N LEU A 240 3.60 22.85 1.26
CA LEU A 240 4.61 22.36 2.21
C LEU A 240 5.99 22.43 1.54
N PRO A 241 6.83 23.45 1.85
CA PRO A 241 8.06 23.72 1.09
C PRO A 241 9.09 22.58 1.02
N GLU A 242 9.35 21.95 2.17
CA GLU A 242 10.36 20.88 2.28
C GLU A 242 9.96 19.59 1.54
N PRO A 243 8.71 19.10 1.74
CA PRO A 243 8.23 17.98 0.90
C PRO A 243 8.15 18.26 -0.60
N GLN A 244 7.76 19.48 -0.99
CA GLN A 244 7.71 19.84 -2.42
C GLN A 244 9.11 19.80 -3.01
N GLU A 245 10.05 20.43 -2.32
CA GLU A 245 11.45 20.43 -2.71
C GLU A 245 12.00 19.01 -2.86
N ASN A 246 11.71 18.14 -1.89
CA ASN A 246 12.12 16.72 -1.96
C ASN A 246 11.63 16.02 -3.26
N TRP A 247 10.40 16.32 -3.66
CA TRP A 247 9.82 15.76 -4.87
C TRP A 247 10.30 16.47 -6.13
N GLU A 248 10.70 17.72 -6.00
CA GLU A 248 11.38 18.47 -7.06
C GLU A 248 12.75 17.86 -7.40
N ARG A 249 13.53 17.49 -6.39
CA ARG A 249 14.80 16.77 -6.60
C ARG A 249 14.58 15.42 -7.26
N ALA A 250 13.58 14.68 -6.77
CA ALA A 250 13.24 13.37 -7.35
C ALA A 250 12.74 13.48 -8.79
N TRP A 251 11.99 14.55 -9.10
CA TRP A 251 11.40 14.77 -10.41
C TRP A 251 12.43 14.84 -11.54
N LYS A 252 13.56 15.51 -11.29
CA LYS A 252 14.59 15.67 -12.31
C LYS A 252 15.32 14.38 -12.66
N GLN A 253 15.38 13.42 -11.74
CA GLN A 253 15.97 12.10 -12.02
C GLN A 253 14.96 11.03 -12.51
N LEU A 254 13.69 11.40 -12.67
CA LEU A 254 12.71 10.56 -13.38
C LEU A 254 12.70 10.96 -14.86
N THR A 255 13.15 10.05 -15.73
CA THR A 255 13.37 10.33 -17.18
C THR A 255 12.40 9.62 -18.14
N GLY A 256 11.42 8.90 -17.60
CA GLY A 256 10.39 8.24 -18.43
C GLY A 256 9.03 8.85 -18.25
N TRP A 257 8.01 8.01 -18.40
CA TRP A 257 6.63 8.38 -18.09
C TRP A 257 6.54 8.80 -16.62
N LYS A 258 5.98 9.98 -16.38
CA LYS A 258 5.86 10.49 -15.01
C LYS A 258 4.73 11.49 -14.90
N ARG A 259 4.16 11.54 -13.71
CA ARG A 259 3.11 12.51 -13.35
C ARG A 259 3.29 12.84 -11.86
N TRP A 260 3.02 14.08 -11.51
CA TRP A 260 3.05 14.53 -10.11
C TRP A 260 1.69 15.19 -9.84
N LEU A 261 0.91 14.53 -9.00
CA LEU A 261 -0.41 14.97 -8.60
C LEU A 261 -0.40 15.32 -7.12
N ASP A 262 -1.27 16.24 -6.74
CA ASP A 262 -1.40 16.69 -5.36
C ASP A 262 -2.88 16.76 -4.96
N VAL A 263 -3.12 16.49 -3.67
CA VAL A 263 -4.41 16.64 -3.06
C VAL A 263 -4.23 17.74 -2.00
N PRO A 264 -4.29 19.04 -2.42
CA PRO A 264 -3.94 20.15 -1.52
C PRO A 264 -4.70 20.20 -0.19
N ALA A 265 -6.00 19.83 -0.21
CA ALA A 265 -6.81 19.81 1.01
C ALA A 265 -6.84 18.43 1.71
N GLY A 266 -6.10 17.46 1.18
CA GLY A 266 -6.04 16.14 1.81
C GLY A 266 -5.07 16.15 2.97
N GLY A 267 -4.82 14.96 3.50
CA GLY A 267 -3.75 14.75 4.47
C GLY A 267 -2.82 13.62 4.10
N HIS A 268 -1.75 13.48 4.87
CA HIS A 268 -0.77 12.41 4.67
C HIS A 268 -1.40 11.00 4.69
N MET A 269 -2.44 10.82 5.50
CA MET A 269 -3.17 9.56 5.60
C MET A 269 -4.33 9.35 4.59
N THR A 270 -4.59 10.31 3.71
CA THR A 270 -5.70 10.24 2.75
C THR A 270 -5.65 8.97 1.86
N PHE A 271 -4.43 8.47 1.62
CA PHE A 271 -4.22 7.36 0.70
C PHE A 271 -4.34 5.97 1.34
N THR A 272 -4.84 5.93 2.57
CA THR A 272 -4.95 4.72 3.34
C THR A 272 -6.38 4.56 3.86
N ASP A 273 -6.61 3.49 4.63
CA ASP A 273 -7.84 3.26 5.38
C ASP A 273 -8.03 4.16 6.61
N VAL A 274 -7.00 4.91 7.01
CA VAL A 274 -7.05 5.64 8.30
C VAL A 274 -8.18 6.67 8.41
N PRO A 275 -8.45 7.46 7.33
CA PRO A 275 -9.55 8.41 7.38
C PRO A 275 -10.87 7.71 7.74
N TRP A 276 -11.15 6.61 7.06
CA TRP A 276 -12.31 5.81 7.34
C TRP A 276 -12.26 5.23 8.78
N ILE A 277 -11.11 4.71 9.21
CA ILE A 277 -10.98 4.17 10.58
C ILE A 277 -11.26 5.24 11.65
N VAL A 278 -10.63 6.40 11.51
CA VAL A 278 -10.75 7.47 12.49
C VAL A 278 -12.15 8.08 12.49
N ASP A 279 -12.68 8.42 11.32
CA ASP A 279 -14.00 9.07 11.23
C ASP A 279 -15.14 8.18 11.76
N ARG A 280 -15.14 6.88 11.41
CA ARG A 280 -16.20 5.96 11.83
C ARG A 280 -15.97 5.32 13.20
N PHE A 281 -14.71 5.03 13.54
CA PHE A 281 -14.37 4.25 14.74
C PHE A 281 -13.32 4.87 15.67
N GLY A 282 -12.95 6.13 15.46
CA GLY A 282 -11.93 6.77 16.27
C GLY A 282 -12.39 7.04 17.69
N MET A 283 -11.48 6.83 18.65
CA MET A 283 -11.67 7.28 20.03
C MET A 283 -11.56 8.80 20.03
N PRO A 284 -12.17 9.49 21.02
CA PRO A 284 -11.94 10.93 21.13
C PRO A 284 -10.44 11.28 21.18
N GLY A 285 -10.01 12.15 20.28
CA GLY A 285 -8.60 12.51 20.16
C GLY A 285 -7.69 11.41 19.60
N GLN A 286 -8.24 10.49 18.79
CA GLN A 286 -7.46 9.41 18.17
C GLN A 286 -6.24 9.97 17.44
N ILE A 287 -6.48 11.06 16.70
CA ILE A 287 -5.43 11.91 16.17
C ILE A 287 -5.53 13.23 16.94
N PRO A 288 -4.43 13.71 17.55
CA PRO A 288 -4.48 14.99 18.29
C PRO A 288 -4.98 16.14 17.43
N PRO A 289 -5.76 17.08 18.00
CA PRO A 289 -6.42 18.13 17.19
C PRO A 289 -5.50 18.87 16.22
N GLU A 290 -4.27 19.15 16.64
CA GLU A 290 -3.29 19.90 15.83
C GLU A 290 -2.77 19.13 14.62
N GLN A 291 -2.80 17.79 14.69
CA GLN A 291 -2.29 16.93 13.62
C GLN A 291 -3.34 16.63 12.52
N VAL A 292 -4.63 16.89 12.81
CA VAL A 292 -5.73 16.52 11.91
C VAL A 292 -5.59 17.14 10.52
N GLU A 293 -5.21 18.42 10.46
CA GLU A 293 -4.96 19.10 9.18
C GLU A 293 -3.90 18.36 8.34
N GLY A 294 -2.74 18.09 8.95
CA GLY A 294 -1.63 17.44 8.26
C GLY A 294 -1.88 15.99 7.86
N GLN A 295 -2.59 15.24 8.71
CA GLN A 295 -2.83 13.81 8.51
C GLN A 295 -4.08 13.47 7.70
N LEU A 296 -5.16 14.23 7.87
CA LEU A 296 -6.43 13.99 7.17
C LEU A 296 -6.92 15.11 6.27
N GLY A 297 -6.62 16.35 6.64
CA GLY A 297 -7.15 17.53 5.94
C GLY A 297 -8.67 17.50 6.00
N THR A 298 -9.29 17.95 4.93
CA THR A 298 -10.75 18.03 4.84
C THR A 298 -11.38 16.98 3.92
N VAL A 299 -10.56 16.16 3.27
CA VAL A 299 -11.09 15.13 2.36
C VAL A 299 -11.74 14.01 3.19
N SER A 300 -13.04 13.84 3.03
CA SER A 300 -13.82 12.82 3.75
C SER A 300 -13.30 11.42 3.47
N ALA A 301 -13.61 10.51 4.39
CA ALA A 301 -13.26 9.09 4.27
C ALA A 301 -13.66 8.50 2.92
N ALA A 302 -14.91 8.75 2.53
CA ALA A 302 -15.41 8.30 1.22
C ALA A 302 -14.60 8.81 0.03
N ARG A 303 -14.32 10.10 0.01
CA ARG A 303 -13.57 10.74 -1.09
C ARG A 303 -12.08 10.35 -1.09
N ALA A 304 -11.49 10.22 0.10
CA ALA A 304 -10.11 9.75 0.27
C ALA A 304 -9.93 8.37 -0.36
N THR A 305 -10.87 7.49 -0.05
CA THR A 305 -10.88 6.13 -0.53
C THR A 305 -11.11 6.09 -2.06
N ALA A 306 -12.07 6.89 -2.56
CA ALA A 306 -12.39 6.88 -3.99
C ALA A 306 -11.31 7.51 -4.86
N VAL A 307 -10.74 8.62 -4.42
CA VAL A 307 -9.66 9.28 -5.15
C VAL A 307 -8.47 8.33 -5.27
N THR A 308 -8.08 7.76 -4.14
CA THR A 308 -6.94 6.87 -4.11
C THR A 308 -7.16 5.66 -5.04
N ARG A 309 -8.32 5.01 -4.90
CA ARG A 309 -8.64 3.85 -5.75
C ARG A 309 -8.63 4.19 -7.24
N ASN A 310 -9.32 5.28 -7.58
CA ASN A 310 -9.52 5.63 -8.99
C ASN A 310 -8.24 6.05 -9.67
N TYR A 311 -7.37 6.77 -8.95
CA TYR A 311 -6.10 7.20 -9.53
C TYR A 311 -5.06 6.10 -9.55
N VAL A 312 -5.07 5.23 -8.53
CA VAL A 312 -4.17 4.07 -8.51
C VAL A 312 -4.52 3.07 -9.61
N ALA A 313 -5.82 2.74 -9.74
CA ALA A 313 -6.29 1.86 -10.79
C ALA A 313 -6.01 2.41 -12.19
N ALA A 314 -6.31 3.69 -12.40
CA ALA A 314 -6.01 4.33 -13.68
C ALA A 314 -4.53 4.25 -14.07
N PHE A 315 -3.63 4.43 -13.10
CA PHE A 315 -2.19 4.28 -13.35
C PHE A 315 -1.83 2.85 -13.78
N PHE A 316 -2.26 1.85 -13.01
CA PHE A 316 -1.93 0.45 -13.36
C PHE A 316 -2.64 -0.07 -14.61
N ASP A 317 -3.87 0.35 -14.85
CA ASP A 317 -4.57 0.02 -16.11
C ASP A 317 -3.82 0.59 -17.34
N ARG A 318 -3.28 1.80 -17.19
CA ARG A 318 -2.49 2.45 -18.22
C ARG A 318 -1.22 1.66 -18.56
N HIS A 319 -0.48 1.26 -17.54
CA HIS A 319 0.83 0.63 -17.75
C HIS A 319 0.84 -0.87 -17.82
N LEU A 320 -0.18 -1.51 -17.24
CA LEU A 320 -0.24 -2.98 -17.24
C LEU A 320 -1.35 -3.58 -18.10
N ARG A 321 -2.43 -2.84 -18.37
CA ARG A 321 -3.57 -3.43 -19.08
C ARG A 321 -3.97 -2.72 -20.37
N GLY A 322 -3.12 -1.81 -20.85
CA GLY A 322 -3.38 -1.08 -22.10
C GLY A 322 -4.65 -0.24 -22.13
N ARG A 323 -4.97 0.42 -21.02
CA ARG A 323 -6.20 1.20 -20.93
C ARG A 323 -5.89 2.66 -20.66
N PRO A 324 -6.47 3.57 -21.46
CA PRO A 324 -6.19 4.97 -21.22
C PRO A 324 -7.01 5.49 -20.04
N SER A 325 -6.58 6.62 -19.49
CA SER A 325 -7.38 7.33 -18.50
C SER A 325 -7.07 8.82 -18.54
N PRO A 326 -8.12 9.64 -18.72
CA PRO A 326 -7.92 11.09 -18.68
C PRO A 326 -7.58 11.62 -17.29
N LEU A 327 -7.86 10.85 -16.24
CA LEU A 327 -7.44 11.19 -14.86
C LEU A 327 -5.94 11.44 -14.74
N LEU A 328 -5.14 10.74 -15.54
CA LEU A 328 -3.68 10.86 -15.51
C LEU A 328 -3.12 12.08 -16.25
N ASP A 329 -3.92 12.70 -17.13
CA ASP A 329 -3.42 13.77 -18.03
C ASP A 329 -3.92 15.20 -17.75
N ARG A 330 -5.13 15.32 -17.24
CA ARG A 330 -5.72 16.64 -16.99
C ARG A 330 -6.69 16.58 -15.82
N PRO A 331 -7.06 17.76 -15.25
CA PRO A 331 -8.04 17.81 -14.17
C PRO A 331 -9.32 17.05 -14.47
N SER A 332 -9.90 16.50 -13.41
CA SER A 332 -11.12 15.73 -13.48
C SER A 332 -12.16 16.49 -12.67
N SER A 333 -13.29 16.82 -13.29
CA SER A 333 -14.38 17.48 -12.56
C SER A 333 -15.11 16.50 -11.63
N ALA A 334 -14.95 15.19 -11.83
CA ALA A 334 -15.41 14.17 -10.89
C ALA A 334 -14.49 14.05 -9.64
N HIS A 335 -13.31 14.64 -9.71
CA HIS A 335 -12.33 14.65 -8.62
C HIS A 335 -11.69 16.04 -8.43
N PRO A 336 -12.50 17.05 -8.04
CA PRO A 336 -11.96 18.42 -7.91
C PRO A 336 -10.84 18.56 -6.87
N GLU A 337 -10.75 17.60 -5.94
CA GLU A 337 -9.68 17.53 -4.95
C GLU A 337 -8.27 17.33 -5.51
N VAL A 338 -8.13 16.91 -6.77
CA VAL A 338 -6.84 16.57 -7.35
C VAL A 338 -6.32 17.65 -8.27
N THR A 339 -5.08 18.09 -8.03
CA THR A 339 -4.41 19.08 -8.86
C THR A 339 -3.14 18.49 -9.51
N PHE A 340 -2.67 19.15 -10.57
CA PHE A 340 -1.47 18.74 -11.30
C PHE A 340 -0.33 19.68 -10.94
N MET A 341 0.78 19.13 -10.49
CA MET A 341 1.95 19.91 -10.10
C MET A 341 2.95 20.08 -11.25
N LYS A 342 2.86 19.24 -12.29
CA LYS A 342 3.68 19.35 -13.51
C LYS A 342 2.83 19.16 -14.77
S SO4 B . 0.91 9.09 -22.36
O1 SO4 B . 2.01 9.93 -21.85
O2 SO4 B . 0.37 8.21 -21.31
O3 SO4 B . -0.19 9.97 -22.84
O4 SO4 B . 1.39 8.25 -23.48
S SO4 C . -6.39 -7.73 -19.24
O1 SO4 C . -5.93 -9.04 -19.76
O2 SO4 C . -6.68 -7.86 -17.79
O3 SO4 C . -7.62 -7.29 -19.97
O4 SO4 C . -5.33 -6.72 -19.42
S SO4 D . 21.90 -0.58 4.91
O1 SO4 D . 21.30 -1.54 5.85
O2 SO4 D . 21.91 0.79 5.46
O3 SO4 D . 23.29 -1.02 4.63
O4 SO4 D . 21.11 -0.49 3.65
C ACT E . -17.73 4.79 1.59
O ACT E . -17.05 3.92 2.17
OXT ACT E . -18.09 5.81 2.22
CH3 ACT E . -18.11 4.60 0.15
C ACT F . -2.13 -7.06 21.99
O ACT F . -2.89 -6.10 21.78
OXT ACT F . -0.89 -7.00 21.78
CH3 ACT F . -2.72 -8.34 22.52
#